data_6K67
#
_entry.id   6K67
#
_cell.length_a   115.298
_cell.length_b   115.298
_cell.length_c   93.275
_cell.angle_alpha   90.00
_cell.angle_beta   90.00
_cell.angle_gamma   120.00
#
_symmetry.space_group_name_H-M   'H 3'
#
loop_
_entity.id
_entity.type
_entity.pdbx_description
1 polymer '3LRH introbody'
2 polymer 'Engineered calmodulin'
3 non-polymer 'CALCIUM ION'
4 water water
#
loop_
_entity_poly.entity_id
_entity_poly.type
_entity_poly.pdbx_seq_one_letter_code
_entity_poly.pdbx_strand_id
1 'polypeptide(L)'
;MGSSHHHHHHSSGLVPRGSHMGSQPVLTQSPSVSAAPRQRVTISVSGSNSNIGSNTVNWIQQLPGRAPELLMYDDDLLAP
GVSDRFSGSRSGTSASLTISGLQSEDEADYYAATWDDSLNGWVFGGGTKVTVLSA
;
A,C
2 'polypeptide(L)'
;MGSSHHHHHHSSGLVPRGSHMEKLMKAFESLQIFQFKEAFSLFDKDGDGTITTKELGTVMRSLGQNPTEAELQDMINEVD
ADGNGTIDFPEFLTMMARKMKDTD
;
B,D
#
loop_
_chem_comp.id
_chem_comp.type
_chem_comp.name
_chem_comp.formula
CA non-polymer 'CALCIUM ION' 'Ca 2'
#
# COMPACT_ATOMS: atom_id res chain seq x y z
N PRO A 25 -0.96 7.69 -19.08
CA PRO A 25 -2.18 8.20 -18.38
C PRO A 25 -2.14 9.72 -18.27
N VAL A 26 -3.20 10.42 -18.65
CA VAL A 26 -3.25 11.91 -18.60
C VAL A 26 -3.33 12.37 -17.13
N LEU A 27 -3.95 11.59 -16.25
CA LEU A 27 -4.01 11.91 -14.81
C LEU A 27 -2.90 11.14 -14.07
N THR A 28 -2.32 11.76 -13.05
CA THR A 28 -1.27 11.12 -12.25
C THR A 28 -1.81 10.83 -10.86
N GLN A 29 -1.70 9.58 -10.40
CA GLN A 29 -2.18 9.14 -9.08
C GLN A 29 -1.04 8.98 -8.09
N SER A 30 -1.38 9.06 -6.81
CA SER A 30 -0.42 8.85 -5.70
C SER A 30 0.04 7.40 -5.72
N PRO A 31 1.26 7.12 -5.20
CA PRO A 31 1.83 5.78 -5.27
C PRO A 31 1.04 4.77 -4.45
N SER A 32 1.23 3.50 -4.74
CA SER A 32 0.51 2.39 -4.08
C SER A 32 0.85 2.38 -2.59
N VAL A 33 -0.08 1.97 -1.75
CA VAL A 33 0.05 2.17 -0.28
C VAL A 33 -0.34 0.86 0.42
N SER A 34 0.31 0.59 1.56
CA SER A 34 -0.06 -0.50 2.50
C SER A 34 -0.44 0.15 3.84
N ALA A 35 -1.50 -0.32 4.45
CA ALA A 35 -1.99 0.20 5.73
C ALA A 35 -2.74 -0.89 6.47
N ALA A 36 -2.84 -0.76 7.77
CA ALA A 36 -3.45 -1.76 8.65
C ALA A 36 -4.94 -1.46 8.73
N PRO A 37 -5.78 -2.44 9.11
CA PRO A 37 -7.21 -2.22 9.34
C PRO A 37 -7.52 -1.05 10.29
N ARG A 38 -8.64 -0.37 10.02
CA ARG A 38 -9.14 0.82 10.75
C ARG A 38 -8.32 2.10 10.48
N GLN A 39 -7.23 2.03 9.72
CA GLN A 39 -6.47 3.24 9.32
C GLN A 39 -7.27 4.07 8.30
N ARG A 40 -6.92 5.34 8.18
CA ARG A 40 -7.44 6.26 7.15
C ARG A 40 -6.41 6.29 6.02
N VAL A 41 -6.85 6.01 4.80
CA VAL A 41 -5.96 6.12 3.62
C VAL A 41 -6.58 7.14 2.67
N THR A 42 -5.74 7.98 2.12
CA THR A 42 -6.16 8.99 1.12
C THR A 42 -5.34 8.74 -0.12
N ILE A 43 -6.03 8.50 -1.23
CA ILE A 43 -5.45 8.39 -2.58
C ILE A 43 -5.73 9.73 -3.25
N SER A 44 -4.75 10.26 -3.96
CA SER A 44 -4.86 11.57 -4.63
C SER A 44 -4.59 11.41 -6.12
N VAL A 45 -5.09 12.36 -6.88
CA VAL A 45 -4.86 12.42 -8.33
C VAL A 45 -4.69 13.89 -8.69
N SER A 46 -3.87 14.13 -9.71
CA SER A 46 -3.45 15.47 -10.15
C SER A 46 -3.62 15.54 -11.66
N GLY A 47 -4.33 16.55 -12.12
CA GLY A 47 -4.57 16.74 -13.56
C GLY A 47 -4.23 18.12 -13.99
N SER A 48 -5.04 18.66 -14.88
CA SER A 48 -4.76 19.96 -15.49
C SER A 48 -6.05 20.76 -15.45
N ASN A 49 -5.97 22.02 -15.80
CA ASN A 49 -7.12 22.94 -15.82
C ASN A 49 -8.23 22.43 -16.73
N SER A 50 -7.88 21.76 -17.82
CA SER A 50 -8.87 21.34 -18.83
C SER A 50 -9.62 20.06 -18.41
N ASN A 51 -9.06 19.26 -17.50
CA ASN A 51 -9.73 18.02 -17.02
C ASN A 51 -10.24 18.26 -15.57
N ILE A 52 -9.48 17.89 -14.57
CA ILE A 52 -9.96 18.00 -13.16
C ILE A 52 -10.33 19.46 -12.84
N GLY A 53 -9.66 20.45 -13.43
CA GLY A 53 -9.94 21.86 -13.21
C GLY A 53 -11.33 22.25 -13.72
N SER A 54 -11.94 21.50 -14.60
CA SER A 54 -13.18 21.94 -15.28
C SER A 54 -14.27 20.86 -15.21
N ASN A 55 -13.95 19.67 -14.69
CA ASN A 55 -14.89 18.52 -14.76
C ASN A 55 -14.82 17.75 -13.46
N THR A 56 -15.93 17.13 -13.11
CA THR A 56 -16.02 16.35 -11.86
C THR A 56 -15.29 15.03 -12.03
N VAL A 57 -14.87 14.46 -10.91
CA VAL A 57 -14.02 13.25 -10.88
C VAL A 57 -14.88 12.05 -10.45
N ASN A 58 -14.67 10.93 -11.14
CA ASN A 58 -15.23 9.61 -10.77
C ASN A 58 -14.11 8.72 -10.27
N TRP A 59 -14.43 7.84 -9.32
CA TRP A 59 -13.50 6.83 -8.80
C TRP A 59 -14.02 5.42 -9.13
N ILE A 60 -13.10 4.59 -9.62
CA ILE A 60 -13.38 3.21 -10.09
C ILE A 60 -12.57 2.26 -9.21
N GLN A 61 -13.21 1.24 -8.69
CA GLN A 61 -12.59 0.22 -7.84
C GLN A 61 -12.54 -1.14 -8.59
N GLN A 62 -11.37 -1.76 -8.61
CA GLN A 62 -11.25 -3.13 -9.17
C GLN A 62 -10.75 -4.07 -8.07
N LEU A 63 -11.63 -4.91 -7.56
CA LEU A 63 -11.24 -5.91 -6.55
C LEU A 63 -10.49 -7.04 -7.26
N PRO A 64 -9.63 -7.81 -6.54
CA PRO A 64 -8.86 -8.89 -7.15
C PRO A 64 -9.76 -9.89 -7.90
N GLY A 65 -9.45 -10.14 -9.17
CA GLY A 65 -10.17 -11.09 -10.05
C GLY A 65 -11.57 -10.64 -10.38
N ARG A 66 -11.93 -9.38 -10.13
CA ARG A 66 -13.30 -8.88 -10.47
C ARG A 66 -13.21 -7.80 -11.55
N ALA A 67 -14.35 -7.49 -12.15
CA ALA A 67 -14.48 -6.39 -13.13
C ALA A 67 -14.38 -5.06 -12.35
N PRO A 68 -13.84 -4.01 -12.98
CA PRO A 68 -13.87 -2.68 -12.37
C PRO A 68 -15.33 -2.21 -12.23
N GLU A 69 -15.64 -1.53 -11.12
CA GLU A 69 -17.00 -1.00 -10.86
C GLU A 69 -16.89 0.48 -10.46
N LEU A 70 -17.97 1.20 -10.59
CA LEU A 70 -18.04 2.62 -10.17
C LEU A 70 -18.10 2.67 -8.64
N LEU A 71 -17.25 3.47 -8.04
CA LEU A 71 -17.18 3.62 -6.58
C LEU A 71 -17.71 4.98 -6.19
N MET A 72 -17.21 6.06 -6.80
CA MET A 72 -17.72 7.40 -6.49
C MET A 72 -17.85 8.15 -7.81
N TYR A 73 -18.71 9.17 -7.81
CA TYR A 73 -18.90 10.07 -8.95
C TYR A 73 -19.27 11.47 -8.50
N ASP A 74 -19.19 12.40 -9.45
CA ASP A 74 -19.47 13.83 -9.20
C ASP A 74 -18.58 14.29 -8.04
N ASP A 75 -17.33 13.83 -7.95
CA ASP A 75 -16.33 14.19 -6.90
C ASP A 75 -16.63 13.45 -5.59
N ASP A 76 -17.85 13.52 -5.06
CA ASP A 76 -18.13 13.28 -3.61
C ASP A 76 -19.42 12.47 -3.39
N LEU A 77 -19.96 11.84 -4.42
CA LEU A 77 -21.15 10.96 -4.24
C LEU A 77 -20.77 9.49 -4.37
N LEU A 78 -21.35 8.66 -3.52
CA LEU A 78 -21.22 7.20 -3.56
C LEU A 78 -22.12 6.62 -4.65
N ALA A 79 -21.56 5.75 -5.47
CA ALA A 79 -22.32 4.93 -6.43
C ALA A 79 -23.27 4.04 -5.63
N PRO A 80 -24.40 3.62 -6.21
CA PRO A 80 -25.34 2.75 -5.51
C PRO A 80 -24.67 1.51 -4.95
N GLY A 81 -24.94 1.20 -3.68
CA GLY A 81 -24.44 0.01 -2.97
C GLY A 81 -23.13 0.25 -2.28
N VAL A 82 -22.43 1.37 -2.53
CA VAL A 82 -21.01 1.52 -2.06
C VAL A 82 -21.04 1.93 -0.59
N SER A 83 -20.09 1.43 0.19
CA SER A 83 -19.91 1.75 1.62
C SER A 83 -19.68 3.25 1.83
N ASP A 84 -20.25 3.79 2.89
CA ASP A 84 -20.09 5.22 3.24
C ASP A 84 -18.77 5.42 3.99
N ARG A 85 -17.89 4.42 4.04
CA ARG A 85 -16.52 4.60 4.56
C ARG A 85 -15.69 5.37 3.51
N PHE A 86 -16.15 5.38 2.26
CA PHE A 86 -15.51 6.13 1.16
C PHE A 86 -16.02 7.58 1.15
N SER A 87 -15.11 8.53 0.95
CA SER A 87 -15.49 9.94 0.64
C SER A 87 -14.51 10.50 -0.37
N GLY A 88 -14.94 11.49 -1.14
CA GLY A 88 -14.16 12.10 -2.21
C GLY A 88 -14.23 13.61 -2.17
N SER A 89 -13.19 14.27 -2.68
CA SER A 89 -13.20 15.73 -2.82
C SER A 89 -12.47 16.15 -4.09
N ARG A 90 -12.71 17.39 -4.51
CA ARG A 90 -12.01 17.97 -5.70
C ARG A 90 -11.67 19.44 -5.39
N SER A 91 -10.44 19.87 -5.61
CA SER A 91 -10.08 21.29 -5.45
C SER A 91 -9.02 21.63 -6.49
N GLY A 92 -9.28 22.65 -7.31
CA GLY A 92 -8.34 23.03 -8.37
C GLY A 92 -8.15 21.85 -9.31
N THR A 93 -6.89 21.45 -9.59
CA THR A 93 -6.57 20.33 -10.51
C THR A 93 -6.37 19.03 -9.70
N SER A 94 -6.68 19.03 -8.41
CA SER A 94 -6.47 17.85 -7.56
C SER A 94 -7.79 17.23 -7.11
N ALA A 95 -7.78 15.91 -6.89
CA ALA A 95 -8.94 15.25 -6.28
C ALA A 95 -8.41 14.17 -5.36
N SER A 96 -9.25 13.71 -4.45
CA SER A 96 -8.83 12.70 -3.46
C SER A 96 -9.98 11.80 -3.10
N LEU A 97 -9.63 10.55 -2.83
CA LEU A 97 -10.54 9.50 -2.32
C LEU A 97 -10.00 9.10 -0.96
N THR A 98 -10.84 9.20 0.07
CA THR A 98 -10.45 8.82 1.43
C THR A 98 -11.25 7.57 1.81
N ILE A 99 -10.55 6.62 2.40
CA ILE A 99 -11.17 5.40 3.00
C ILE A 99 -11.00 5.55 4.50
N SER A 100 -12.09 5.81 5.23
CA SER A 100 -11.92 6.23 6.62
C SER A 100 -11.54 5.01 7.48
N GLY A 101 -12.32 3.95 7.50
CA GLY A 101 -11.92 2.81 8.34
C GLY A 101 -11.55 1.60 7.53
N LEU A 102 -10.25 1.46 7.21
CA LEU A 102 -9.77 0.52 6.16
C LEU A 102 -10.10 -0.90 6.59
N GLN A 103 -10.60 -1.71 5.67
CA GLN A 103 -10.98 -3.12 5.91
C GLN A 103 -10.44 -3.97 4.78
N SER A 104 -10.24 -5.27 5.05
CA SER A 104 -9.66 -6.28 4.09
C SER A 104 -10.31 -6.18 2.73
N GLU A 105 -11.62 -6.03 2.67
CA GLU A 105 -12.42 -5.99 1.41
C GLU A 105 -12.02 -4.73 0.59
N ASP A 106 -11.31 -3.76 1.17
CA ASP A 106 -10.86 -2.55 0.42
C ASP A 106 -9.59 -2.81 -0.36
N GLU A 107 -8.95 -3.98 -0.18
CA GLU A 107 -7.71 -4.30 -0.94
C GLU A 107 -8.05 -4.34 -2.43
N ALA A 108 -7.48 -3.45 -3.22
CA ALA A 108 -7.98 -3.22 -4.60
C ALA A 108 -7.15 -2.18 -5.30
N ASP A 109 -7.38 -2.07 -6.59
CA ASP A 109 -6.80 -1.01 -7.45
C ASP A 109 -7.87 0.07 -7.63
N TYR A 110 -7.48 1.35 -7.45
CA TYR A 110 -8.40 2.51 -7.51
C TYR A 110 -7.94 3.39 -8.65
N TYR A 111 -8.85 3.76 -9.53
CA TYR A 111 -8.59 4.59 -10.72
C TYR A 111 -9.46 5.84 -10.70
N ALA A 112 -8.88 6.96 -11.08
CA ALA A 112 -9.58 8.25 -11.25
C ALA A 112 -9.94 8.39 -12.73
N ALA A 113 -11.10 8.96 -12.98
CA ALA A 113 -11.61 9.27 -14.33
C ALA A 113 -12.22 10.66 -14.37
N THR A 114 -12.05 11.37 -15.48
CA THR A 114 -12.80 12.61 -15.68
C THR A 114 -12.82 12.91 -17.16
N TRP A 115 -13.57 13.94 -17.51
CA TRP A 115 -13.63 14.46 -18.90
C TRP A 115 -12.51 15.48 -19.08
N ASP A 116 -11.91 15.49 -20.27
CA ASP A 116 -10.91 16.52 -20.63
C ASP A 116 -11.47 17.37 -21.76
N ASP A 117 -11.66 18.67 -21.48
CA ASP A 117 -12.29 19.62 -22.44
C ASP A 117 -11.37 19.86 -23.63
N SER A 118 -10.06 19.72 -23.44
CA SER A 118 -9.08 19.95 -24.52
C SER A 118 -8.96 18.70 -25.42
N LEU A 119 -9.08 17.49 -24.89
CA LEU A 119 -9.00 16.23 -25.67
C LEU A 119 -10.40 15.80 -26.10
N ASN A 120 -11.45 16.41 -25.54
CA ASN A 120 -12.86 16.13 -25.86
C ASN A 120 -13.15 14.65 -25.61
N GLY A 121 -12.76 14.14 -24.45
CA GLY A 121 -12.90 12.70 -24.16
C GLY A 121 -12.55 12.37 -22.74
N TRP A 122 -12.78 11.12 -22.35
CA TRP A 122 -12.46 10.64 -20.99
C TRP A 122 -10.96 10.46 -20.84
N VAL A 123 -10.44 10.78 -19.67
CA VAL A 123 -9.02 10.56 -19.31
C VAL A 123 -9.02 9.84 -17.97
N PHE A 124 -7.91 9.20 -17.66
CA PHE A 124 -7.84 8.27 -16.53
C PHE A 124 -6.48 8.42 -15.86
N GLY A 125 -6.45 8.13 -14.57
CA GLY A 125 -5.19 7.85 -13.85
C GLY A 125 -4.67 6.44 -14.12
N GLY A 126 -3.43 6.17 -13.66
CA GLY A 126 -2.74 4.89 -13.89
C GLY A 126 -3.03 3.92 -12.78
N GLY A 127 -3.81 4.34 -11.78
CA GLY A 127 -4.27 3.42 -10.72
C GLY A 127 -3.38 3.49 -9.51
N THR A 128 -3.96 3.23 -8.36
CA THR A 128 -3.27 3.15 -7.07
C THR A 128 -3.73 1.85 -6.42
N LYS A 129 -2.79 1.01 -5.99
CA LYS A 129 -3.13 -0.22 -5.25
C LYS A 129 -3.14 0.09 -3.75
N VAL A 130 -4.21 -0.35 -3.10
CA VAL A 130 -4.28 -0.37 -1.62
C VAL A 130 -4.12 -1.84 -1.18
N THR A 131 -3.11 -2.12 -0.38
CA THR A 131 -2.89 -3.45 0.27
C THR A 131 -3.09 -3.27 1.78
N VAL A 132 -3.84 -4.17 2.40
CA VAL A 132 -4.17 -4.03 3.85
C VAL A 132 -3.35 -5.05 4.65
N LEU A 133 -2.70 -4.63 5.75
CA LEU A 133 -1.82 -5.46 6.62
C LEU A 133 -2.63 -6.05 7.79
N GLY B 18 -31.55 19.88 -9.74
CA GLY B 18 -30.26 19.29 -10.09
C GLY B 18 -30.43 18.36 -11.27
N SER B 19 -29.40 17.64 -11.67
CA SER B 19 -29.49 16.67 -12.79
C SER B 19 -28.84 15.36 -12.34
N HIS B 20 -29.36 14.83 -11.24
CA HIS B 20 -28.92 13.60 -10.54
C HIS B 20 -28.72 12.49 -11.58
N MET B 21 -29.77 12.12 -12.31
CA MET B 21 -29.69 10.94 -13.23
C MET B 21 -28.70 11.20 -14.36
N GLU B 22 -28.65 12.40 -14.93
CA GLU B 22 -27.67 12.77 -15.98
C GLU B 22 -26.23 12.58 -15.47
N LYS B 23 -25.93 13.05 -14.28
CA LYS B 23 -24.57 12.92 -13.69
C LYS B 23 -24.20 11.44 -13.51
N LEU B 24 -25.13 10.63 -12.98
CA LEU B 24 -24.87 9.20 -12.70
C LEU B 24 -24.66 8.46 -14.03
N MET B 25 -25.45 8.80 -15.05
CA MET B 25 -25.37 8.08 -16.36
C MET B 25 -24.05 8.43 -17.03
N LYS B 26 -23.60 9.69 -16.92
CA LYS B 26 -22.28 10.09 -17.45
C LYS B 26 -21.15 9.34 -16.74
N ALA B 27 -21.22 9.22 -15.42
CA ALA B 27 -20.20 8.49 -14.66
C ALA B 27 -20.12 7.03 -15.17
N PHE B 28 -21.26 6.38 -15.35
CA PHE B 28 -21.34 4.98 -15.86
C PHE B 28 -20.78 4.87 -17.29
N GLU B 29 -20.92 5.90 -18.12
CA GLU B 29 -20.25 5.94 -19.44
C GLU B 29 -18.72 5.90 -19.25
N SER B 30 -18.14 6.64 -18.29
CA SER B 30 -16.68 6.67 -18.08
C SER B 30 -16.26 5.28 -17.60
N LEU B 31 -17.07 4.62 -16.79
CA LEU B 31 -16.75 3.26 -16.30
C LEU B 31 -16.75 2.28 -17.49
N GLN B 32 -17.71 2.41 -18.41
CA GLN B 32 -17.82 1.56 -19.64
C GLN B 32 -16.58 1.76 -20.51
N ILE B 33 -16.15 3.00 -20.77
CA ILE B 33 -14.88 3.23 -21.51
C ILE B 33 -13.71 2.59 -20.75
N PHE B 34 -13.61 2.81 -19.45
CA PHE B 34 -12.49 2.22 -18.71
C PHE B 34 -12.49 0.68 -18.91
N GLN B 35 -13.65 0.06 -18.84
CA GLN B 35 -13.78 -1.41 -18.99
C GLN B 35 -13.30 -1.86 -20.36
N PHE B 36 -13.60 -1.10 -21.41
CA PHE B 36 -13.10 -1.35 -22.78
C PHE B 36 -11.59 -1.16 -22.84
N LYS B 37 -11.05 -0.21 -22.08
CA LYS B 37 -9.59 0.02 -22.07
C LYS B 37 -8.92 -1.25 -21.54
N GLU B 38 -9.47 -1.82 -20.48
CA GLU B 38 -8.93 -3.07 -19.88
C GLU B 38 -9.07 -4.24 -20.90
N ALA B 39 -10.16 -4.31 -21.61
CA ALA B 39 -10.39 -5.35 -22.64
C ALA B 39 -9.36 -5.15 -23.74
N PHE B 40 -9.25 -3.95 -24.30
CA PHE B 40 -8.19 -3.58 -25.27
C PHE B 40 -6.82 -4.12 -24.83
N SER B 41 -6.47 -3.82 -23.59
CA SER B 41 -5.19 -4.25 -22.97
C SER B 41 -5.06 -5.78 -23.03
N LEU B 42 -6.15 -6.53 -22.87
CA LEU B 42 -6.10 -8.02 -22.90
C LEU B 42 -5.84 -8.50 -24.34
N PHE B 43 -6.27 -7.74 -25.36
CA PHE B 43 -5.97 -8.06 -26.77
C PHE B 43 -4.50 -7.67 -27.07
N ASP B 44 -4.09 -6.49 -26.60
CA ASP B 44 -2.79 -5.85 -26.93
C ASP B 44 -1.70 -6.42 -26.02
N LYS B 45 -1.45 -7.72 -26.10
CA LYS B 45 -0.56 -8.42 -25.13
C LYS B 45 0.87 -7.90 -25.29
N ASP B 46 1.13 -7.22 -26.41
CA ASP B 46 2.37 -6.46 -26.70
C ASP B 46 2.48 -5.28 -25.73
N GLY B 47 1.39 -4.53 -25.58
CA GLY B 47 1.35 -3.20 -24.95
C GLY B 47 1.79 -2.10 -25.90
N ASP B 48 1.84 -2.34 -27.22
CA ASP B 48 2.33 -1.34 -28.21
C ASP B 48 1.20 -0.38 -28.61
N GLY B 49 -0.03 -0.57 -28.12
CA GLY B 49 -1.15 0.36 -28.43
C GLY B 49 -1.93 -0.03 -29.67
N THR B 50 -1.60 -1.17 -30.28
CA THR B 50 -2.32 -1.64 -31.49
C THR B 50 -2.60 -3.14 -31.34
N ILE B 51 -3.68 -3.59 -31.99
CA ILE B 51 -4.05 -5.03 -32.05
C ILE B 51 -3.78 -5.51 -33.47
N THR B 52 -2.90 -6.49 -33.57
CA THR B 52 -2.44 -7.09 -34.84
C THR B 52 -3.35 -8.29 -35.13
N THR B 53 -3.23 -8.82 -36.34
CA THR B 53 -3.80 -10.14 -36.69
C THR B 53 -3.37 -11.19 -35.66
N LYS B 54 -2.09 -11.20 -35.29
CA LYS B 54 -1.53 -12.23 -34.39
C LYS B 54 -2.21 -12.14 -33.03
N GLU B 55 -2.40 -10.93 -32.51
CA GLU B 55 -2.99 -10.75 -31.15
C GLU B 55 -4.47 -11.10 -31.19
N LEU B 56 -5.17 -10.63 -32.22
CA LEU B 56 -6.60 -10.93 -32.42
C LEU B 56 -6.78 -12.45 -32.55
N GLY B 57 -5.85 -13.14 -33.21
CA GLY B 57 -5.95 -14.60 -33.38
C GLY B 57 -5.85 -15.32 -32.05
N THR B 58 -4.93 -14.89 -31.21
CA THR B 58 -4.75 -15.44 -29.85
C THR B 58 -6.05 -15.28 -29.07
N VAL B 59 -6.68 -14.10 -29.13
CA VAL B 59 -7.95 -13.93 -28.38
C VAL B 59 -9.03 -14.85 -28.98
N MET B 60 -9.13 -14.88 -30.30
CA MET B 60 -10.23 -15.67 -30.96
C MET B 60 -10.05 -17.16 -30.60
N ARG B 61 -8.84 -17.65 -30.55
CA ARG B 61 -8.65 -19.07 -30.20
C ARG B 61 -8.82 -19.30 -28.69
N SER B 62 -8.67 -18.29 -27.82
CA SER B 62 -8.99 -18.44 -26.39
C SER B 62 -10.50 -18.68 -26.26
N LEU B 63 -11.27 -18.11 -27.18
CA LEU B 63 -12.70 -18.44 -27.32
C LEU B 63 -12.68 -19.77 -28.09
N GLY B 64 -13.75 -20.33 -28.56
CA GLY B 64 -13.49 -21.63 -29.24
C GLY B 64 -12.97 -21.56 -30.69
N GLN B 65 -12.58 -20.40 -31.21
CA GLN B 65 -12.69 -20.12 -32.66
C GLN B 65 -11.36 -20.38 -33.36
N ASN B 66 -11.42 -20.52 -34.67
CA ASN B 66 -10.25 -20.94 -35.46
C ASN B 66 -10.25 -20.23 -36.80
N PRO B 67 -10.12 -18.89 -36.83
CA PRO B 67 -10.03 -18.19 -38.10
C PRO B 67 -8.68 -18.26 -38.77
N THR B 68 -8.66 -18.20 -40.10
CA THR B 68 -7.43 -18.09 -40.90
C THR B 68 -6.82 -16.71 -40.66
N GLU B 69 -5.55 -16.54 -40.98
CA GLU B 69 -4.93 -15.19 -40.89
C GLU B 69 -5.68 -14.19 -41.79
N ALA B 70 -6.13 -14.62 -42.97
CA ALA B 70 -6.86 -13.72 -43.91
C ALA B 70 -8.20 -13.31 -43.29
N GLU B 71 -8.86 -14.21 -42.59
CA GLU B 71 -10.15 -13.90 -41.92
C GLU B 71 -9.88 -12.89 -40.79
N LEU B 72 -8.75 -13.00 -40.10
CA LEU B 72 -8.41 -12.06 -38.98
C LEU B 72 -8.17 -10.67 -39.61
N GLN B 73 -7.43 -10.66 -40.71
CA GLN B 73 -7.17 -9.38 -41.42
C GLN B 73 -8.50 -8.75 -41.87
N ASP B 74 -9.43 -9.57 -42.33
CA ASP B 74 -10.75 -9.08 -42.79
C ASP B 74 -11.52 -8.48 -41.61
N MET B 75 -11.43 -9.09 -40.42
CA MET B 75 -12.08 -8.51 -39.21
C MET B 75 -11.46 -7.15 -38.91
N ILE B 76 -10.14 -7.04 -38.98
CA ILE B 76 -9.40 -5.76 -38.80
C ILE B 76 -9.86 -4.73 -39.84
N ASN B 77 -9.90 -5.11 -41.12
CA ASN B 77 -10.15 -4.16 -42.22
C ASN B 77 -11.54 -3.53 -42.06
N GLU B 78 -12.51 -4.25 -41.53
CA GLU B 78 -13.89 -3.78 -41.34
C GLU B 78 -13.96 -2.62 -40.31
N VAL B 79 -12.95 -2.38 -39.46
CA VAL B 79 -12.95 -1.24 -38.50
C VAL B 79 -11.67 -0.40 -38.62
N ASP B 80 -10.84 -0.68 -39.63
CA ASP B 80 -9.53 0.00 -39.80
C ASP B 80 -9.78 1.36 -40.48
N ALA B 81 -9.97 2.43 -39.70
CA ALA B 81 -10.41 3.75 -40.23
C ALA B 81 -9.20 4.46 -40.85
N ASP B 82 -8.02 4.35 -40.24
CA ASP B 82 -6.81 5.06 -40.71
C ASP B 82 -6.09 4.22 -41.77
N GLY B 83 -6.46 2.94 -41.94
CA GLY B 83 -5.93 2.02 -42.97
C GLY B 83 -4.51 1.54 -42.72
N ASN B 84 -4.01 1.52 -41.48
CA ASN B 84 -2.62 1.04 -41.21
C ASN B 84 -2.60 -0.49 -40.99
N GLY B 85 -3.74 -1.18 -41.14
CA GLY B 85 -3.85 -2.66 -41.10
C GLY B 85 -3.90 -3.25 -39.70
N THR B 86 -3.89 -2.43 -38.63
CA THR B 86 -4.02 -2.83 -37.19
C THR B 86 -5.10 -2.00 -36.48
N ILE B 87 -5.54 -2.46 -35.32
CA ILE B 87 -6.68 -1.86 -34.56
C ILE B 87 -6.12 -1.01 -33.43
N ASP B 88 -6.55 0.25 -33.39
CA ASP B 88 -6.25 1.15 -32.24
C ASP B 88 -7.51 1.28 -31.40
N PHE B 89 -7.41 1.95 -30.26
CA PHE B 89 -8.50 1.96 -29.26
C PHE B 89 -9.81 2.46 -29.84
N PRO B 90 -9.88 3.62 -30.54
CA PRO B 90 -11.16 4.07 -31.10
C PRO B 90 -11.79 3.07 -32.08
N GLU B 91 -10.98 2.46 -32.94
CA GLU B 91 -11.44 1.43 -33.90
C GLU B 91 -11.90 0.22 -33.10
N PHE B 92 -11.20 -0.12 -32.01
CA PHE B 92 -11.65 -1.23 -31.12
C PHE B 92 -13.06 -0.92 -30.58
N LEU B 93 -13.31 0.34 -30.20
CA LEU B 93 -14.63 0.78 -29.68
C LEU B 93 -15.69 0.56 -30.76
N THR B 94 -15.41 0.95 -32.01
CA THR B 94 -16.37 0.70 -33.11
C THR B 94 -16.57 -0.82 -33.22
N MET B 95 -15.52 -1.64 -33.15
CA MET B 95 -15.68 -3.12 -33.32
C MET B 95 -16.56 -3.68 -32.19
N MET B 96 -16.43 -3.16 -30.97
CA MET B 96 -17.21 -3.66 -29.80
C MET B 96 -18.66 -3.15 -29.92
N ALA B 97 -18.86 -1.91 -30.40
CA ALA B 97 -20.21 -1.34 -30.63
C ALA B 97 -21.05 -2.35 -31.42
N ARG B 98 -20.55 -2.79 -32.57
CA ARG B 98 -21.31 -3.65 -33.51
C ARG B 98 -21.55 -5.00 -32.86
N LYS B 99 -20.60 -5.49 -32.07
CA LYS B 99 -20.72 -6.83 -31.45
C LYS B 99 -21.79 -6.75 -30.35
N MET B 100 -21.74 -5.71 -29.52
CA MET B 100 -22.66 -5.50 -28.36
C MET B 100 -23.93 -4.79 -28.88
N PRO C 25 20.36 1.97 13.91
CA PRO C 25 19.14 2.48 14.61
C PRO C 25 19.23 4.01 14.79
N VAL C 26 18.18 4.75 14.43
CA VAL C 26 18.22 6.24 14.44
C VAL C 26 18.19 6.70 15.91
N LEU C 27 17.57 5.94 16.79
CA LEU C 27 17.50 6.28 18.24
C LEU C 27 18.58 5.50 18.98
N THR C 28 19.18 6.11 19.98
CA THR C 28 20.25 5.50 20.81
C THR C 28 19.69 5.24 22.21
N GLN C 29 19.72 3.98 22.65
CA GLN C 29 19.25 3.56 23.98
C GLN C 29 20.43 3.37 24.94
N SER C 30 20.11 3.37 26.22
CA SER C 30 21.10 3.19 27.30
C SER C 30 21.56 1.72 27.30
N PRO C 31 22.78 1.44 27.83
CA PRO C 31 23.32 0.08 27.81
C PRO C 31 22.52 -0.88 28.69
N SER C 32 22.63 -2.16 28.37
CA SER C 32 21.96 -3.26 29.09
C SER C 32 22.30 -3.21 30.58
N VAL C 33 21.37 -3.61 31.44
CA VAL C 33 21.42 -3.34 32.89
C VAL C 33 20.96 -4.60 33.62
N SER C 34 21.51 -4.83 34.80
CA SER C 34 21.16 -5.92 35.73
C SER C 34 20.77 -5.25 37.04
N ALA C 35 19.78 -5.80 37.72
CA ALA C 35 19.32 -5.24 39.00
C ALA C 35 18.58 -6.33 39.77
N ALA C 36 18.44 -6.13 41.08
CA ALA C 36 17.83 -7.09 42.02
C ALA C 36 16.35 -6.77 42.13
N PRO C 37 15.49 -7.74 42.50
CA PRO C 37 14.07 -7.50 42.69
C PRO C 37 13.81 -6.31 43.62
N ARG C 38 12.76 -5.53 43.28
CA ARG C 38 12.23 -4.39 44.05
C ARG C 38 13.09 -3.14 43.84
N GLN C 39 14.20 -3.22 43.12
CA GLN C 39 14.98 -2.02 42.76
C GLN C 39 14.28 -1.23 41.64
N ARG C 40 14.68 0.02 41.47
CA ARG C 40 14.17 0.89 40.38
C ARG C 40 15.18 0.84 39.25
N VAL C 41 14.76 0.58 38.00
CA VAL C 41 15.64 0.70 36.79
C VAL C 41 15.05 1.74 35.84
N THR C 42 15.89 2.60 35.32
CA THR C 42 15.55 3.60 34.27
C THR C 42 16.33 3.29 33.00
N ILE C 43 15.60 3.02 31.93
CA ILE C 43 16.11 2.86 30.53
C ILE C 43 15.90 4.21 29.87
N SER C 44 16.87 4.69 29.12
CA SER C 44 16.73 6.00 28.46
C SER C 44 17.00 5.83 26.97
N VAL C 45 16.54 6.81 26.20
CA VAL C 45 16.69 6.87 24.74
C VAL C 45 16.94 8.32 24.39
N SER C 46 17.77 8.53 23.38
CA SER C 46 18.22 9.86 22.92
C SER C 46 18.00 9.94 21.42
N GLY C 47 17.34 11.00 20.99
CA GLY C 47 17.05 11.19 19.55
C GLY C 47 17.45 12.56 19.09
N SER C 48 16.67 13.09 18.18
CA SER C 48 16.96 14.41 17.58
C SER C 48 15.67 15.23 17.60
N ASN C 49 15.77 16.50 17.20
CA ASN C 49 14.64 17.44 17.16
C ASN C 49 13.52 16.88 16.29
N SER C 50 13.86 16.15 15.22
CA SER C 50 12.86 15.72 14.21
C SER C 50 12.11 14.47 14.68
N ASN C 51 12.65 13.67 15.60
CA ASN C 51 11.94 12.46 16.11
C ASN C 51 11.41 12.74 17.54
N ILE C 52 12.14 12.38 18.56
CA ILE C 52 11.69 12.52 19.96
C ILE C 52 11.40 13.99 20.24
N GLY C 53 12.08 14.94 19.60
CA GLY C 53 11.85 16.38 19.81
C GLY C 53 10.46 16.81 19.35
N SER C 54 9.81 16.04 18.50
CA SER C 54 8.56 16.48 17.82
C SER C 54 7.46 15.44 17.89
N ASN C 55 7.73 14.25 18.45
CA ASN C 55 6.78 13.11 18.40
C ASN C 55 6.87 12.34 19.70
N THR C 56 5.75 11.76 20.07
CA THR C 56 5.64 10.96 21.31
C THR C 56 6.36 9.62 21.15
N VAL C 57 6.77 9.07 22.27
CA VAL C 57 7.59 7.84 22.30
C VAL C 57 6.71 6.68 22.77
N ASN C 58 6.86 5.56 22.06
CA ASN C 58 6.26 4.25 22.42
C ASN C 58 7.37 3.32 22.90
N TRP C 59 7.05 2.44 23.84
CA TRP C 59 7.99 1.45 24.36
C TRP C 59 7.44 0.05 24.07
N ILE C 60 8.30 -0.80 23.56
CA ILE C 60 7.97 -2.20 23.12
C ILE C 60 8.77 -3.18 23.99
N GLN C 61 8.11 -4.21 24.50
CA GLN C 61 8.73 -5.20 25.39
C GLN C 61 8.77 -6.55 24.67
N GLN C 62 9.94 -7.17 24.60
CA GLN C 62 10.05 -8.52 24.02
C GLN C 62 10.56 -9.47 25.10
N LEU C 63 9.68 -10.29 25.63
CA LEU C 63 10.05 -11.29 26.67
C LEU C 63 10.84 -12.41 26.01
N PRO C 64 11.70 -13.14 26.76
CA PRO C 64 12.51 -14.21 26.19
C PRO C 64 11.60 -15.24 25.50
N GLY C 65 11.88 -15.52 24.23
CA GLY C 65 11.17 -16.52 23.42
C GLY C 65 9.80 -16.05 23.00
N ARG C 66 9.41 -14.80 23.28
CA ARG C 66 8.05 -14.31 22.94
C ARG C 66 8.13 -13.22 21.85
N ALA C 67 6.99 -12.94 21.22
CA ALA C 67 6.81 -11.87 20.23
C ALA C 67 6.80 -10.52 20.96
N PRO C 68 7.30 -9.46 20.31
CA PRO C 68 7.30 -8.12 20.91
C PRO C 68 5.86 -7.61 21.09
N GLU C 69 5.58 -6.94 22.22
CA GLU C 69 4.24 -6.36 22.53
C GLU C 69 4.41 -4.88 22.91
N LEU C 70 3.37 -4.08 22.67
CA LEU C 70 3.35 -2.65 23.09
C LEU C 70 3.29 -2.57 24.62
N LEU C 71 4.16 -1.78 25.23
CA LEU C 71 4.27 -1.67 26.70
C LEU C 71 3.76 -0.29 27.10
N MET C 72 4.29 0.77 26.46
CA MET C 72 3.79 2.14 26.72
C MET C 72 3.62 2.88 25.41
N TYR C 73 2.78 3.90 25.41
CA TYR C 73 2.63 4.80 24.24
C TYR C 73 2.30 6.21 24.72
N ASP C 74 2.39 7.16 23.78
CA ASP C 74 2.15 8.60 24.08
C ASP C 74 3.06 9.06 25.22
N ASP C 75 4.29 8.56 25.25
CA ASP C 75 5.33 8.88 26.27
C ASP C 75 5.03 8.16 27.59
N ASP C 76 3.80 8.26 28.11
CA ASP C 76 3.55 8.00 29.55
C ASP C 76 2.27 7.19 29.79
N LEU C 77 1.68 6.59 28.75
CA LEU C 77 0.44 5.82 28.95
C LEU C 77 0.75 4.31 28.86
N LEU C 78 0.18 3.53 29.77
CA LEU C 78 0.33 2.06 29.74
C LEU C 78 -0.59 1.48 28.66
N ALA C 79 -0.05 0.59 27.83
CA ALA C 79 -0.86 -0.21 26.90
C ALA C 79 -1.82 -1.08 27.72
N PRO C 80 -2.97 -1.50 27.16
CA PRO C 80 -3.91 -2.35 27.89
C PRO C 80 -3.22 -3.61 28.43
N GLY C 81 -3.50 -3.94 29.69
CA GLY C 81 -3.00 -5.14 30.36
C GLY C 81 -1.66 -4.91 31.07
N VAL C 82 -0.97 -3.78 30.84
CA VAL C 82 0.44 -3.63 31.30
C VAL C 82 0.45 -3.21 32.78
N SER C 83 1.42 -3.73 33.53
CA SER C 83 1.61 -3.44 34.98
C SER C 83 1.85 -1.95 35.17
N ASP C 84 1.33 -1.39 36.26
CA ASP C 84 1.50 0.04 36.56
C ASP C 84 2.85 0.26 37.24
N ARG C 85 3.71 -0.76 37.27
CA ARG C 85 5.08 -0.59 37.81
C ARG C 85 5.92 0.17 36.77
N PHE C 86 5.44 0.22 35.53
CA PHE C 86 6.08 0.90 34.39
C PHE C 86 5.60 2.34 34.34
N SER C 87 6.53 3.27 34.09
CA SER C 87 6.18 4.69 33.87
C SER C 87 7.13 5.25 32.81
N GLY C 88 6.69 6.25 32.06
CA GLY C 88 7.50 6.83 30.99
C GLY C 88 7.47 8.34 31.01
N SER C 89 8.49 8.97 30.41
CA SER C 89 8.54 10.43 30.29
C SER C 89 9.30 10.81 29.03
N ARG C 90 9.10 12.06 28.60
CA ARG C 90 9.77 12.64 27.42
C ARG C 90 10.09 14.10 27.75
N SER C 91 11.34 14.50 27.53
CA SER C 91 11.80 15.90 27.66
C SER C 91 12.84 16.20 26.59
N GLY C 92 12.58 17.20 25.77
CA GLY C 92 13.47 17.55 24.66
C GLY C 92 13.65 16.35 23.76
N THR C 93 14.91 15.94 23.51
CA THR C 93 15.19 14.82 22.56
C THR C 93 15.41 13.53 23.38
N SER C 94 15.11 13.51 24.67
CA SER C 94 15.28 12.28 25.48
C SER C 94 13.95 11.75 26.01
N ALA C 95 13.92 10.45 26.25
CA ALA C 95 12.74 9.81 26.83
C ALA C 95 13.25 8.72 27.72
N SER C 96 12.43 8.30 28.65
CA SER C 96 12.87 7.25 29.59
C SER C 96 11.69 6.40 30.04
N LEU C 97 12.02 5.17 30.39
CA LEU C 97 11.08 4.13 30.88
C LEU C 97 11.61 3.70 32.21
N THR C 98 10.81 3.85 33.25
CA THR C 98 11.18 3.49 34.63
C THR C 98 10.36 2.25 35.02
N ILE C 99 11.05 1.25 35.57
CA ILE C 99 10.44 0.05 36.21
C ILE C 99 10.63 0.19 37.70
N SER C 100 9.57 0.49 38.44
CA SER C 100 9.70 0.91 39.86
C SER C 100 9.99 -0.28 40.79
N GLY C 101 9.19 -1.33 40.78
CA GLY C 101 9.44 -2.47 41.68
C GLY C 101 9.87 -3.68 40.91
N LEU C 102 11.17 -3.78 40.57
CA LEU C 102 11.65 -4.72 39.52
C LEU C 102 11.26 -6.14 39.92
N GLN C 103 10.78 -6.93 38.95
CA GLN C 103 10.35 -8.34 39.21
C GLN C 103 10.85 -9.27 38.09
N SER C 104 10.89 -10.57 38.40
CA SER C 104 11.36 -11.65 37.48
C SER C 104 10.79 -11.45 36.07
N GLU C 105 9.49 -11.16 35.97
CA GLU C 105 8.74 -11.09 34.68
C GLU C 105 9.28 -9.94 33.81
N ASP C 106 10.02 -8.99 34.37
CA ASP C 106 10.52 -7.78 33.66
C ASP C 106 11.83 -8.06 32.91
N GLU C 107 12.38 -9.27 33.06
CA GLU C 107 13.59 -9.66 32.31
C GLU C 107 13.21 -9.74 30.83
N ALA C 108 13.78 -8.89 29.99
CA ALA C 108 13.32 -8.72 28.60
C ALA C 108 14.17 -7.70 27.87
N ASP C 109 13.94 -7.58 26.58
CA ASP C 109 14.54 -6.51 25.73
C ASP C 109 13.50 -5.39 25.58
N TYR C 110 13.92 -4.15 25.73
CA TYR C 110 13.01 -2.97 25.67
C TYR C 110 13.45 -2.10 24.52
N TYR C 111 12.51 -1.74 23.65
CA TYR C 111 12.79 -0.91 22.46
C TYR C 111 11.97 0.38 22.48
N ALA C 112 12.59 1.50 22.13
CA ALA C 112 11.89 2.78 21.92
C ALA C 112 11.48 2.87 20.46
N ALA C 113 10.35 3.49 20.20
CA ALA C 113 9.87 3.82 18.85
C ALA C 113 9.30 5.23 18.82
N THR C 114 9.47 5.94 17.72
CA THR C 114 8.77 7.21 17.52
C THR C 114 8.73 7.50 16.04
N TRP C 115 7.96 8.50 15.68
CA TRP C 115 7.89 9.03 14.30
C TRP C 115 9.04 10.02 14.09
N ASP C 116 9.65 9.97 12.91
CA ASP C 116 10.68 10.94 12.50
C ASP C 116 10.13 11.81 11.37
N ASP C 117 9.99 13.11 11.61
CA ASP C 117 9.39 14.07 10.62
C ASP C 117 10.34 14.26 9.43
N SER C 118 11.64 14.07 9.62
CA SER C 118 12.60 14.26 8.51
C SER C 118 12.64 13.01 7.60
N LEU C 119 12.44 11.80 8.14
CA LEU C 119 12.40 10.52 7.38
C LEU C 119 10.96 10.21 6.99
N ASN C 120 10.01 10.85 7.65
CA ASN C 120 8.56 10.71 7.40
C ASN C 120 8.19 9.24 7.61
N GLY C 121 8.70 8.64 8.70
CA GLY C 121 8.44 7.24 9.03
C GLY C 121 8.83 6.88 10.47
N TRP C 122 8.52 5.66 10.87
CA TRP C 122 8.85 5.11 12.20
C TRP C 122 10.34 4.89 12.29
N VAL C 123 10.92 5.27 13.42
CA VAL C 123 12.32 4.95 13.79
C VAL C 123 12.30 4.28 15.16
N PHE C 124 13.39 3.62 15.51
CA PHE C 124 13.49 2.70 16.67
C PHE C 124 14.86 2.85 17.28
N GLY C 125 14.95 2.53 18.56
CA GLY C 125 16.22 2.25 19.25
C GLY C 125 16.66 0.80 19.03
N GLY C 126 17.91 0.48 19.39
CA GLY C 126 18.52 -0.83 19.15
C GLY C 126 18.26 -1.78 20.30
N GLY C 127 17.56 -1.35 21.35
CA GLY C 127 17.15 -2.23 22.44
C GLY C 127 18.08 -2.11 23.62
N THR C 128 17.51 -2.30 24.79
CA THR C 128 18.22 -2.38 26.07
C THR C 128 17.75 -3.66 26.75
N LYS C 129 18.68 -4.52 27.15
CA LYS C 129 18.31 -5.76 27.87
C LYS C 129 18.29 -5.47 29.38
N VAL C 130 17.23 -5.87 30.06
CA VAL C 130 17.12 -5.86 31.53
C VAL C 130 17.23 -7.32 32.01
N THR C 131 18.25 -7.61 32.81
CA THR C 131 18.41 -8.91 33.52
C THR C 131 18.15 -8.69 35.01
N VAL C 132 17.31 -9.56 35.57
CA VAL C 132 16.89 -9.54 37.00
C VAL C 132 17.71 -10.59 37.77
N LEU C 133 18.38 -10.15 38.83
CA LEU C 133 19.16 -11.02 39.76
C LEU C 133 18.22 -11.55 40.84
N GLY D 18 -9.85 14.82 23.48
CA GLY D 18 -8.51 14.30 23.11
C GLY D 18 -8.66 13.40 21.91
N SER D 19 -7.64 12.64 21.57
CA SER D 19 -7.71 11.68 20.44
C SER D 19 -7.13 10.36 20.90
N HIS D 20 -7.60 9.88 22.06
CA HIS D 20 -7.20 8.61 22.72
C HIS D 20 -7.09 7.48 21.68
N MET D 21 -8.16 7.25 20.93
CA MET D 21 -8.22 6.14 19.93
C MET D 21 -7.14 6.32 18.86
N GLU D 22 -7.00 7.51 18.27
CA GLU D 22 -5.98 7.79 17.22
C GLU D 22 -4.58 7.49 17.77
N LYS D 23 -4.27 7.97 18.96
CA LYS D 23 -2.94 7.75 19.62
C LYS D 23 -2.66 6.25 19.79
N LEU D 24 -3.64 5.48 20.27
CA LEU D 24 -3.44 4.03 20.54
C LEU D 24 -3.29 3.27 19.20
N MET D 25 -4.07 3.64 18.19
CA MET D 25 -4.03 3.00 16.85
C MET D 25 -2.64 3.21 16.25
N LYS D 26 -2.11 4.43 16.28
CA LYS D 26 -0.76 4.76 15.76
C LYS D 26 0.32 4.00 16.55
N ALA D 27 0.21 3.91 17.86
CA ALA D 27 1.20 3.16 18.66
C ALA D 27 1.27 1.72 18.15
N PHE D 28 0.12 1.07 17.95
CA PHE D 28 0.01 -0.33 17.46
C PHE D 28 0.54 -0.41 16.02
N GLU D 29 0.33 0.63 15.21
CA GLU D 29 1.01 0.66 13.89
C GLU D 29 2.52 0.56 14.11
N SER D 30 3.12 1.32 15.04
CA SER D 30 4.59 1.33 15.21
C SER D 30 5.04 -0.08 15.62
N LEU D 31 4.22 -0.77 16.41
CA LEU D 31 4.51 -2.16 16.86
C LEU D 31 4.49 -3.11 15.65
N GLN D 32 3.50 -2.97 14.78
CA GLN D 32 3.38 -3.86 13.58
C GLN D 32 4.59 -3.64 12.69
N ILE D 33 4.97 -2.38 12.43
CA ILE D 33 6.20 -2.10 11.65
C ILE D 33 7.44 -2.70 12.34
N PHE D 34 7.53 -2.61 13.66
CA PHE D 34 8.66 -3.23 14.39
C PHE D 34 8.67 -4.75 14.14
N GLN D 35 7.52 -5.41 14.19
CA GLN D 35 7.37 -6.88 13.96
C GLN D 35 7.87 -7.19 12.54
N PHE D 36 7.50 -6.38 11.54
CA PHE D 36 7.95 -6.59 10.14
C PHE D 36 9.46 -6.36 10.04
N LYS D 37 10.03 -5.46 10.84
CA LYS D 37 11.48 -5.22 10.76
C LYS D 37 12.20 -6.47 11.29
N GLU D 38 11.73 -7.06 12.37
CA GLU D 38 12.26 -8.32 12.94
C GLU D 38 12.19 -9.44 11.88
N ALA D 39 11.05 -9.59 11.19
CA ALA D 39 10.87 -10.61 10.11
C ALA D 39 11.89 -10.33 9.00
N PHE D 40 12.03 -9.07 8.56
CA PHE D 40 13.02 -8.65 7.55
C PHE D 40 14.41 -9.09 8.00
N SER D 41 14.76 -8.86 9.25
CA SER D 41 16.06 -9.26 9.84
C SER D 41 16.28 -10.78 9.70
N LEU D 42 15.22 -11.59 9.86
CA LEU D 42 15.33 -13.06 9.71
C LEU D 42 15.68 -13.42 8.26
N PHE D 43 15.17 -12.70 7.26
CA PHE D 43 15.55 -12.93 5.85
C PHE D 43 16.96 -12.36 5.59
N ASP D 44 17.23 -11.13 6.05
CA ASP D 44 18.46 -10.36 5.71
C ASP D 44 19.60 -10.77 6.65
N LYS D 45 20.10 -12.00 6.52
CA LYS D 45 20.94 -12.64 7.57
C LYS D 45 22.31 -11.96 7.69
N ASP D 46 22.76 -11.23 6.66
CA ASP D 46 24.04 -10.49 6.71
C ASP D 46 23.80 -9.00 7.03
N GLY D 47 22.60 -8.61 7.46
CA GLY D 47 22.24 -7.25 7.89
C GLY D 47 22.57 -6.19 6.86
N ASP D 48 22.65 -6.58 5.59
CA ASP D 48 23.04 -5.74 4.43
C ASP D 48 22.01 -4.63 4.16
N GLY D 49 20.77 -4.78 4.66
CA GLY D 49 19.64 -3.90 4.32
C GLY D 49 18.87 -4.39 3.10
N THR D 50 19.31 -5.49 2.47
CA THR D 50 18.66 -6.10 1.27
C THR D 50 18.60 -7.63 1.38
N ILE D 51 17.56 -8.22 0.79
CA ILE D 51 17.34 -9.70 0.68
C ILE D 51 17.67 -10.13 -0.75
N THR D 52 18.61 -11.06 -0.87
CA THR D 52 19.09 -11.58 -2.17
C THR D 52 18.37 -12.91 -2.45
N THR D 53 18.55 -13.44 -3.65
CA THR D 53 18.10 -14.81 -3.99
C THR D 53 18.59 -15.82 -2.95
N LYS D 54 19.85 -15.76 -2.57
CA LYS D 54 20.46 -16.77 -1.66
C LYS D 54 19.78 -16.72 -0.30
N GLU D 55 19.57 -15.50 0.21
CA GLU D 55 18.94 -15.33 1.55
C GLU D 55 17.48 -15.79 1.48
N LEU D 56 16.75 -15.36 0.45
CA LEU D 56 15.35 -15.81 0.29
C LEU D 56 15.31 -17.35 0.18
N GLY D 57 16.27 -17.95 -0.53
CA GLY D 57 16.34 -19.43 -0.66
C GLY D 57 16.49 -20.09 0.70
N THR D 58 17.40 -19.60 1.53
CA THR D 58 17.65 -20.19 2.87
C THR D 58 16.32 -20.22 3.63
N VAL D 59 15.61 -19.10 3.64
CA VAL D 59 14.35 -19.03 4.42
C VAL D 59 13.31 -19.98 3.82
N MET D 60 13.11 -19.96 2.49
CA MET D 60 12.05 -20.78 1.84
C MET D 60 12.31 -22.26 2.18
N ARG D 61 13.56 -22.70 2.17
CA ARG D 61 13.90 -24.13 2.48
C ARG D 61 13.60 -24.41 3.96
N SER D 62 13.81 -23.44 4.86
CA SER D 62 13.48 -23.59 6.29
C SER D 62 11.96 -23.76 6.43
N LEU D 63 11.19 -23.22 5.48
CA LEU D 63 9.71 -23.38 5.49
C LEU D 63 9.31 -24.68 4.79
N GLY D 64 10.28 -25.50 4.36
CA GLY D 64 10.04 -26.80 3.69
C GLY D 64 9.68 -26.65 2.21
N GLN D 65 9.89 -25.48 1.61
CA GLN D 65 9.66 -25.26 0.15
C GLN D 65 10.98 -25.54 -0.52
N ASN D 66 10.96 -25.69 -1.84
CA ASN D 66 12.20 -26.05 -2.57
C ASN D 66 12.24 -25.37 -3.94
N PRO D 67 12.31 -24.03 -4.02
CA PRO D 67 12.37 -23.37 -5.32
C PRO D 67 13.75 -23.47 -5.97
N THR D 68 13.77 -23.46 -7.29
CA THR D 68 15.01 -23.27 -8.08
C THR D 68 15.49 -21.84 -7.88
N GLU D 69 16.75 -21.56 -8.19
CA GLU D 69 17.29 -20.18 -8.15
C GLU D 69 16.51 -19.24 -9.10
N ALA D 70 16.08 -19.71 -10.26
CA ALA D 70 15.29 -18.90 -11.22
C ALA D 70 13.94 -18.58 -10.57
N GLU D 71 13.39 -19.50 -9.81
CA GLU D 71 12.07 -19.26 -9.16
C GLU D 71 12.27 -18.23 -8.07
N LEU D 72 13.39 -18.29 -7.37
CA LEU D 72 13.69 -17.31 -6.27
C LEU D 72 13.85 -15.94 -6.91
N GLN D 73 14.55 -15.86 -8.03
CA GLN D 73 14.72 -14.58 -8.77
C GLN D 73 13.36 -14.03 -9.22
N ASP D 74 12.48 -14.89 -9.71
CA ASP D 74 11.12 -14.51 -10.14
C ASP D 74 10.31 -13.98 -8.93
N MET D 75 10.39 -14.61 -7.77
CA MET D 75 9.69 -14.15 -6.54
C MET D 75 10.15 -12.74 -6.18
N ILE D 76 11.45 -12.49 -6.24
CA ILE D 76 12.03 -11.13 -6.04
C ILE D 76 11.47 -10.19 -7.10
N ASN D 77 11.52 -10.56 -8.37
CA ASN D 77 11.16 -9.64 -9.49
C ASN D 77 9.69 -9.21 -9.34
N GLU D 78 8.83 -10.05 -8.80
CA GLU D 78 7.37 -9.77 -8.65
C GLU D 78 7.13 -8.64 -7.64
N VAL D 79 8.13 -8.22 -6.88
CA VAL D 79 7.97 -7.13 -5.87
C VAL D 79 9.17 -6.19 -5.94
N ASP D 80 10.00 -6.34 -6.98
CA ASP D 80 11.21 -5.49 -7.15
C ASP D 80 10.77 -4.17 -7.79
N ALA D 81 10.36 -3.19 -6.96
CA ALA D 81 9.73 -1.93 -7.40
C ALA D 81 10.78 -1.01 -8.02
N ASP D 82 11.98 -0.97 -7.47
CA ASP D 82 13.03 -0.03 -7.96
C ASP D 82 13.86 -0.71 -9.05
N GLY D 83 13.64 -2.00 -9.29
CA GLY D 83 14.38 -2.78 -10.30
C GLY D 83 15.86 -2.89 -9.94
N ASN D 84 16.19 -3.02 -8.67
CA ASN D 84 17.59 -3.17 -8.22
C ASN D 84 17.99 -4.66 -8.17
N GLY D 85 17.06 -5.61 -8.36
CA GLY D 85 17.32 -7.08 -8.37
C GLY D 85 17.30 -7.75 -7.00
N THR D 86 17.09 -6.99 -5.91
CA THR D 86 16.96 -7.47 -4.50
C THR D 86 15.72 -6.90 -3.81
N ILE D 87 15.48 -7.29 -2.56
CA ILE D 87 14.29 -6.82 -1.79
C ILE D 87 14.78 -5.90 -0.67
N ASP D 88 14.30 -4.66 -0.64
CA ASP D 88 14.54 -3.76 0.53
C ASP D 88 13.25 -3.70 1.34
N PHE D 89 13.29 -3.00 2.47
CA PHE D 89 12.24 -3.11 3.50
C PHE D 89 10.88 -2.79 2.89
N PRO D 90 10.68 -1.65 2.19
CA PRO D 90 9.36 -1.32 1.66
C PRO D 90 8.81 -2.38 0.71
N GLU D 91 9.69 -2.98 -0.11
CA GLU D 91 9.31 -4.06 -1.05
C GLU D 91 8.92 -5.30 -0.24
N PHE D 92 9.68 -5.61 0.82
CA PHE D 92 9.37 -6.72 1.76
C PHE D 92 7.99 -6.51 2.38
N LEU D 93 7.69 -5.28 2.83
CA LEU D 93 6.35 -4.98 3.38
C LEU D 93 5.28 -5.29 2.33
N THR D 94 5.46 -4.79 1.10
CA THR D 94 4.46 -4.96 0.02
C THR D 94 4.34 -6.48 -0.23
N MET D 95 5.45 -7.21 -0.23
CA MET D 95 5.47 -8.69 -0.40
C MET D 95 4.76 -9.41 0.76
N MET D 96 4.91 -8.92 2.00
CA MET D 96 4.27 -9.55 3.17
C MET D 96 2.79 -9.14 3.19
N ALA D 97 2.47 -7.89 2.83
CA ALA D 97 1.09 -7.35 2.80
C ALA D 97 0.16 -8.35 2.11
N ARG D 98 0.53 -8.80 0.91
CA ARG D 98 -0.34 -9.61 0.00
C ARG D 98 -0.38 -11.07 0.47
N LYS D 99 0.63 -11.52 1.21
CA LYS D 99 0.78 -12.90 1.70
C LYS D 99 0.04 -13.04 3.04
CA CA E . -5.91 1.15 -37.74
CA CA F . -0.04 -5.05 -29.88
CA CA G . 14.53 -3.59 -5.01
CA CA H . 21.28 -9.31 2.77
#